data_4KRR
#
_entry.id   4KRR
#
_cell.length_a   59.625
_cell.length_b   59.625
_cell.length_c   66.955
_cell.angle_alpha   90.000
_cell.angle_beta   90.000
_cell.angle_gamma   90.000
#
_symmetry.space_group_name_H-M   'P 41'
#
loop_
_entity.id
_entity.type
_entity.pdbx_description
1 polymer 'Wnt inhibitor of Dorsal protein'
2 non-polymer GLYCEROL
3 non-polymer 'SODIUM ION'
4 water water
#
_entity_poly.entity_id   1
_entity_poly.type   'polypeptide(L)'
_entity_poly.pdbx_seq_one_letter_code
;RSQAPLSWEDITGKGLKQALDSCQQSFQWQRWNCPSQDFVQKNSKPEENSPNREDVYVAAISMAAIVHTLTKDCANGVIA
GCGCTENALNVPCAHEPTKALEQYEKHFGSGSGAIGHNRRVVGALLQRSLEQECRCKQPGAVQGECQEEECVAVLKPFEA
IAQDLLQMYDDAIQLEGASSNLKIMWQNIPLDSLVFMQDSPNYCERDATGLWGTGHHHHHH
;
_entity_poly.pdbx_strand_id   A
#
loop_
_chem_comp.id
_chem_comp.type
_chem_comp.name
_chem_comp.formula
GOL non-polymer GLYCEROL 'C3 H8 O3'
NA non-polymer 'SODIUM ION' 'Na 1'
#
# COMPACT_ATOMS: atom_id res chain seq x y z
N PRO A 5 7.10 -1.41 21.06
CA PRO A 5 8.20 -1.98 20.27
C PRO A 5 7.69 -2.61 18.97
N LEU A 6 8.31 -2.25 17.86
CA LEU A 6 7.87 -2.68 16.54
C LEU A 6 7.91 -4.19 16.34
N SER A 7 6.76 -4.78 16.00
CA SER A 7 6.68 -6.19 15.66
C SER A 7 6.20 -6.34 14.23
N TRP A 8 7.09 -6.82 13.35
CA TRP A 8 6.74 -6.98 11.95
C TRP A 8 5.71 -8.08 11.72
N GLU A 9 5.63 -9.02 12.66
CA GLU A 9 4.65 -10.09 12.59
C GLU A 9 3.23 -9.56 12.73
N ASP A 10 3.03 -8.66 13.68
CA ASP A 10 1.71 -8.09 13.92
C ASP A 10 1.33 -7.08 12.83
N ILE A 11 2.29 -6.28 12.41
CA ILE A 11 2.06 -5.28 11.37
C ILE A 11 1.66 -5.94 10.05
N THR A 12 2.44 -6.93 9.63
CA THR A 12 2.17 -7.68 8.41
C THR A 12 0.83 -8.41 8.49
N GLY A 13 0.58 -9.03 9.63
CA GLY A 13 -0.67 -9.74 9.86
C GLY A 13 -1.90 -8.88 9.66
N LYS A 14 -1.91 -7.73 10.33
CA LYS A 14 -3.03 -6.78 10.21
C LYS A 14 -3.09 -6.19 8.82
N GLY A 15 -1.93 -5.90 8.24
CA GLY A 15 -1.86 -5.37 6.89
C GLY A 15 -2.46 -6.31 5.85
N LEU A 16 -2.03 -7.57 5.88
CA LEU A 16 -2.51 -8.56 4.91
C LEU A 16 -4.00 -8.84 5.06
N LYS A 17 -4.51 -8.77 6.28
CA LYS A 17 -5.94 -8.96 6.51
C LYS A 17 -6.72 -7.83 5.84
N GLN A 18 -6.25 -6.61 6.05
CA GLN A 18 -6.88 -5.44 5.44
C GLN A 18 -6.75 -5.50 3.93
N ALA A 19 -5.58 -5.90 3.45
CA ALA A 19 -5.32 -6.00 2.02
C ALA A 19 -6.22 -7.03 1.36
N LEU A 20 -6.41 -8.16 2.02
CA LEU A 20 -7.28 -9.22 1.52
C LEU A 20 -8.73 -8.76 1.40
N ASP A 21 -9.21 -8.05 2.41
CA ASP A 21 -10.59 -7.55 2.39
C ASP A 21 -10.82 -6.58 1.24
N SER A 22 -9.84 -5.71 1.01
CA SER A 22 -9.93 -4.73 -0.07
C SER A 22 -9.84 -5.42 -1.43
N CYS A 23 -8.98 -6.44 -1.50
CA CYS A 23 -8.78 -7.21 -2.72
C CYS A 23 -10.05 -7.98 -3.11
N GLN A 24 -10.65 -8.66 -2.13
CA GLN A 24 -11.85 -9.46 -2.38
C GLN A 24 -13.05 -8.57 -2.70
N GLN A 25 -13.05 -7.35 -2.16
CA GLN A 25 -14.13 -6.41 -2.41
C GLN A 25 -14.01 -5.78 -3.80
N SER A 26 -12.79 -5.46 -4.20
CA SER A 26 -12.56 -4.83 -5.49
C SER A 26 -12.70 -5.80 -6.66
N PHE A 27 -12.54 -7.09 -6.38
CA PHE A 27 -12.55 -8.11 -7.43
C PHE A 27 -13.72 -9.08 -7.33
N GLN A 28 -14.66 -8.79 -6.43
CA GLN A 28 -15.78 -9.70 -6.16
C GLN A 28 -16.59 -10.03 -7.41
N TRP A 29 -16.53 -9.17 -8.42
CA TRP A 29 -17.31 -9.36 -9.63
C TRP A 29 -16.48 -9.92 -10.79
N GLN A 30 -15.17 -9.94 -10.62
CA GLN A 30 -14.26 -10.34 -11.70
C GLN A 30 -14.05 -11.85 -11.75
N ARG A 31 -13.45 -12.33 -12.85
CA ARG A 31 -13.19 -13.75 -13.03
C ARG A 31 -12.16 -14.25 -12.02
N TRP A 32 -11.11 -13.48 -11.84
CA TRP A 32 -10.22 -13.68 -10.70
C TRP A 32 -10.78 -12.83 -9.57
N ASN A 33 -11.59 -13.46 -8.72
CA ASN A 33 -12.26 -12.74 -7.64
C ASN A 33 -11.44 -12.67 -6.37
N CYS A 34 -10.12 -12.67 -6.53
CA CYS A 34 -9.19 -12.64 -5.40
C CYS A 34 -9.50 -13.71 -4.36
N PRO A 35 -9.46 -15.00 -4.76
CA PRO A 35 -9.73 -16.04 -3.76
C PRO A 35 -8.66 -16.04 -2.67
N SER A 36 -9.08 -16.21 -1.42
CA SER A 36 -8.18 -16.12 -0.27
C SER A 36 -6.97 -17.03 -0.39
N GLN A 37 -7.17 -18.24 -0.93
CA GLN A 37 -6.09 -19.20 -1.10
C GLN A 37 -4.99 -18.65 -1.99
N ASP A 38 -5.39 -18.09 -3.13
CA ASP A 38 -4.43 -17.56 -4.10
C ASP A 38 -3.79 -16.27 -3.60
N PHE A 39 -4.56 -15.45 -2.89
CA PHE A 39 -4.05 -14.18 -2.36
C PHE A 39 -2.94 -14.43 -1.35
N VAL A 40 -3.17 -15.37 -0.43
CA VAL A 40 -2.18 -15.71 0.58
C VAL A 40 -0.94 -16.34 -0.04
N GLN A 41 -1.13 -17.23 -1.00
CA GLN A 41 -0.04 -17.92 -1.66
C GLN A 41 0.82 -16.96 -2.48
N LYS A 42 0.18 -15.97 -3.09
CA LYS A 42 0.90 -14.92 -3.81
C LYS A 42 1.76 -14.09 -2.86
N ASN A 43 1.32 -13.97 -1.62
CA ASN A 43 2.10 -13.21 -0.62
C ASN A 43 3.18 -14.04 0.05
N SER A 44 2.95 -15.36 0.13
CA SER A 44 3.91 -16.27 0.75
C SER A 44 5.03 -16.65 -0.21
N LYS A 45 4.74 -16.61 -1.52
CA LYS A 45 5.74 -16.88 -2.54
C LYS A 45 5.44 -16.04 -3.78
N PRO A 46 5.74 -14.73 -3.73
CA PRO A 46 5.42 -13.83 -4.83
C PRO A 46 6.24 -14.11 -6.09
N GLU A 47 5.61 -13.95 -7.24
CA GLU A 47 6.31 -14.06 -8.51
C GLU A 47 7.12 -12.79 -8.72
N GLU A 48 8.44 -12.95 -8.83
CA GLU A 48 9.33 -11.79 -8.91
C GLU A 48 10.15 -11.75 -10.18
N ASN A 49 10.09 -12.84 -10.96
CA ASN A 49 10.82 -12.89 -12.22
C ASN A 49 10.01 -12.31 -13.37
N SER A 50 8.79 -12.79 -13.51
CA SER A 50 7.91 -12.29 -14.58
C SER A 50 6.47 -12.21 -14.10
N PRO A 51 6.16 -11.21 -13.26
CA PRO A 51 4.83 -11.09 -12.67
C PRO A 51 3.77 -10.68 -13.68
N ASN A 52 2.58 -11.26 -13.55
CA ASN A 52 1.43 -10.81 -14.33
C ASN A 52 0.70 -9.69 -13.62
N ARG A 53 -0.34 -9.15 -14.25
CA ARG A 53 -1.06 -7.99 -13.72
C ARG A 53 -1.65 -8.25 -12.33
N GLU A 54 -2.11 -9.47 -12.09
CA GLU A 54 -2.66 -9.81 -10.79
C GLU A 54 -1.59 -9.94 -9.70
N ASP A 55 -0.42 -10.44 -10.08
CA ASP A 55 0.72 -10.51 -9.16
C ASP A 55 1.07 -9.10 -8.70
N VAL A 56 1.07 -8.17 -9.65
CA VAL A 56 1.38 -6.78 -9.39
C VAL A 56 0.38 -6.13 -8.43
N TYR A 57 -0.91 -6.38 -8.65
CA TYR A 57 -1.93 -5.81 -7.77
C TYR A 57 -1.80 -6.32 -6.34
N VAL A 58 -1.68 -7.63 -6.19
CA VAL A 58 -1.61 -8.25 -4.88
C VAL A 58 -0.44 -7.73 -4.06
N ALA A 59 0.73 -7.65 -4.68
CA ALA A 59 1.91 -7.11 -4.03
C ALA A 59 1.72 -5.63 -3.69
N ALA A 60 1.10 -4.89 -4.60
CA ALA A 60 0.85 -3.47 -4.39
C ALA A 60 -0.12 -3.20 -3.25
N ILE A 61 -1.26 -3.89 -3.26
CA ILE A 61 -2.27 -3.69 -2.22
C ILE A 61 -1.77 -4.18 -0.86
N SER A 62 -0.92 -5.20 -0.87
CA SER A 62 -0.36 -5.74 0.36
C SER A 62 0.67 -4.79 0.97
N MET A 63 1.58 -4.30 0.14
CA MET A 63 2.56 -3.30 0.57
C MET A 63 1.87 -2.05 1.09
N ALA A 64 0.86 -1.59 0.36
CA ALA A 64 0.13 -0.38 0.74
C ALA A 64 -0.56 -0.53 2.09
N ALA A 65 -1.15 -1.70 2.32
CA ALA A 65 -1.87 -1.95 3.56
C ALA A 65 -0.92 -2.05 4.75
N ILE A 66 0.25 -2.61 4.52
CA ILE A 66 1.26 -2.74 5.57
C ILE A 66 1.81 -1.38 5.97
N VAL A 67 2.10 -0.54 4.97
CA VAL A 67 2.62 0.79 5.20
C VAL A 67 1.55 1.70 5.83
N HIS A 68 0.31 1.56 5.37
CA HIS A 68 -0.81 2.30 5.94
C HIS A 68 -0.99 1.94 7.41
N THR A 69 -0.86 0.65 7.71
CA THR A 69 -0.98 0.17 9.08
C THR A 69 0.16 0.70 9.94
N LEU A 70 1.37 0.63 9.41
CA LEU A 70 2.56 1.08 10.11
C LEU A 70 2.54 2.59 10.36
N THR A 71 2.13 3.35 9.34
CA THR A 71 2.03 4.80 9.45
C THR A 71 1.01 5.20 10.52
N LYS A 72 -0.16 4.55 10.47
CA LYS A 72 -1.24 4.87 11.38
C LYS A 72 -0.91 4.49 12.82
N ASP A 73 -0.38 3.29 13.01
CA ASP A 73 -0.04 2.81 14.34
C ASP A 73 1.07 3.62 14.99
N CYS A 74 2.01 4.10 14.18
CA CYS A 74 3.08 4.96 14.68
C CYS A 74 2.51 6.27 15.21
N ALA A 75 1.60 6.86 14.45
CA ALA A 75 0.97 8.11 14.85
C ALA A 75 0.11 7.92 16.09
N ASN A 76 -0.49 6.75 16.22
CA ASN A 76 -1.30 6.42 17.39
C ASN A 76 -0.44 6.11 18.62
N GLY A 77 0.87 6.08 18.42
CA GLY A 77 1.82 5.92 19.52
C GLY A 77 1.85 4.53 20.12
N VAL A 78 1.44 3.53 19.36
CA VAL A 78 1.42 2.15 19.85
C VAL A 78 2.73 1.43 19.51
N ILE A 79 3.55 2.07 18.68
CA ILE A 79 4.83 1.50 18.28
C ILE A 79 5.99 2.37 18.76
N ALA A 80 6.92 1.76 19.49
CA ALA A 80 8.08 2.49 20.00
C ALA A 80 9.08 2.78 18.87
N GLY A 81 9.73 3.94 18.94
CA GLY A 81 10.70 4.34 17.95
C GLY A 81 10.16 5.32 16.93
N CYS A 82 8.84 5.34 16.77
CA CYS A 82 8.20 6.23 15.82
C CYS A 82 6.97 6.90 16.43
N GLY A 83 6.53 7.99 15.81
CA GLY A 83 5.37 8.72 16.29
C GLY A 83 5.72 10.03 16.96
N CYS A 84 4.83 10.51 17.82
CA CYS A 84 5.02 11.80 18.49
C CYS A 84 5.24 11.61 19.99
N THR A 85 4.78 12.59 20.77
CA THR A 85 4.85 12.53 22.22
C THR A 85 3.54 12.95 22.85
N PRO A 92 -2.53 15.08 19.28
CA PRO A 92 -2.72 14.97 17.83
C PRO A 92 -1.40 14.77 17.10
N CYS A 93 -1.21 13.59 16.52
CA CYS A 93 0.04 13.27 15.83
C CYS A 93 -0.15 13.07 14.34
N ALA A 94 0.56 13.85 13.54
CA ALA A 94 0.44 13.79 12.08
C ALA A 94 1.07 12.52 11.53
N HIS A 95 0.43 11.93 10.52
CA HIS A 95 0.95 10.72 9.90
C HIS A 95 2.23 11.02 9.12
N GLU A 96 3.14 10.06 9.13
CA GLU A 96 4.41 10.19 8.44
C GLU A 96 4.66 8.97 7.55
N PRO A 97 3.98 8.92 6.40
CA PRO A 97 4.08 7.77 5.49
C PRO A 97 5.49 7.57 4.93
N THR A 98 6.23 8.66 4.74
CA THR A 98 7.59 8.56 4.22
C THR A 98 8.51 7.81 5.20
N LYS A 99 8.36 8.11 6.48
CA LYS A 99 9.11 7.40 7.52
C LYS A 99 8.79 5.91 7.48
N ALA A 100 7.51 5.60 7.31
CA ALA A 100 7.05 4.21 7.27
C ALA A 100 7.56 3.49 6.02
N LEU A 101 7.58 4.21 4.89
CA LEU A 101 8.10 3.67 3.64
C LEU A 101 9.57 3.30 3.74
N GLU A 102 10.30 4.00 4.62
CA GLU A 102 11.72 3.74 4.79
C GLU A 102 11.96 2.49 5.65
N GLN A 103 11.16 2.33 6.71
CA GLN A 103 11.21 1.11 7.52
C GLN A 103 10.77 -0.10 6.71
N TYR A 104 9.88 0.12 5.75
CA TYR A 104 9.43 -0.93 4.86
C TYR A 104 10.56 -1.36 3.94
N GLU A 105 11.24 -0.39 3.35
CA GLU A 105 12.33 -0.67 2.41
C GLU A 105 13.54 -1.26 3.13
N LYS A 106 13.59 -1.07 4.45
CA LYS A 106 14.65 -1.64 5.25
C LYS A 106 14.36 -3.12 5.51
N HIS A 107 13.16 -3.39 6.02
CA HIS A 107 12.76 -4.75 6.35
C HIS A 107 12.69 -5.59 5.09
N PHE A 108 11.69 -5.29 4.24
CA PHE A 108 11.59 -5.93 2.95
C PHE A 108 12.59 -5.28 2.02
N GLY A 109 12.90 -5.94 0.91
CA GLY A 109 13.93 -5.45 0.01
C GLY A 109 13.53 -4.19 -0.74
N SER A 110 14.48 -3.64 -1.49
CA SER A 110 14.20 -2.50 -2.35
C SER A 110 13.64 -2.99 -3.68
N GLY A 111 14.07 -4.19 -4.09
CA GLY A 111 13.57 -4.80 -5.31
C GLY A 111 14.25 -4.31 -6.56
N SER A 112 13.98 -4.97 -7.67
CA SER A 112 14.52 -4.58 -8.97
C SER A 112 13.52 -4.96 -10.05
N GLY A 113 13.82 -4.62 -11.30
CA GLY A 113 12.92 -4.90 -12.40
C GLY A 113 11.55 -4.28 -12.18
N ALA A 114 10.50 -5.03 -12.49
CA ALA A 114 9.13 -4.57 -12.34
C ALA A 114 8.78 -4.39 -10.87
N ILE A 115 9.24 -5.31 -10.04
CA ILE A 115 9.00 -5.26 -8.60
C ILE A 115 9.50 -3.97 -7.99
N GLY A 116 10.74 -3.61 -8.27
CA GLY A 116 11.35 -2.40 -7.74
C GLY A 116 10.58 -1.15 -8.15
N HIS A 117 10.20 -1.08 -9.41
CA HIS A 117 9.47 0.07 -9.93
C HIS A 117 8.12 0.21 -9.25
N ASN A 118 7.42 -0.91 -9.10
CA ASN A 118 6.08 -0.90 -8.53
C ASN A 118 6.07 -0.50 -7.06
N ARG A 119 7.11 -0.85 -6.32
CA ARG A 119 7.22 -0.43 -4.94
C ARG A 119 7.38 1.08 -4.84
N ARG A 120 8.12 1.64 -5.79
CA ARG A 120 8.24 3.10 -5.90
C ARG A 120 6.90 3.73 -6.24
N VAL A 121 6.13 3.07 -7.10
CA VAL A 121 4.81 3.57 -7.49
C VAL A 121 3.88 3.61 -6.29
N VAL A 122 3.83 2.52 -5.54
CA VAL A 122 3.03 2.45 -4.33
C VAL A 122 3.51 3.47 -3.29
N GLY A 123 4.82 3.64 -3.20
CA GLY A 123 5.40 4.61 -2.28
C GLY A 123 4.94 6.02 -2.57
N ALA A 124 5.01 6.42 -3.83
CA ALA A 124 4.60 7.75 -4.26
C ALA A 124 3.10 8.00 -4.04
N LEU A 125 2.30 6.95 -4.25
CA LEU A 125 0.86 7.03 -4.06
C LEU A 125 0.52 7.35 -2.61
N LEU A 126 1.12 6.60 -1.70
CA LEU A 126 0.90 6.80 -0.27
C LEU A 126 1.36 8.18 0.20
N GLN A 127 2.34 8.75 -0.51
CA GLN A 127 2.84 10.06 -0.18
C GLN A 127 1.86 11.15 -0.61
N ARG A 128 1.09 10.87 -1.65
CA ARG A 128 0.08 11.82 -2.11
C ARG A 128 -1.32 11.38 -1.69
N SER A 129 -1.39 10.49 -0.71
CA SER A 129 -2.67 10.01 -0.19
C SER A 129 -2.98 10.60 1.18
N LEU A 130 -2.42 11.78 1.45
CA LEU A 130 -2.63 12.44 2.72
C LEU A 130 -3.87 13.33 2.70
N GLU A 131 -4.69 13.19 3.74
CA GLU A 131 -5.77 14.12 4.01
C GLU A 131 -5.49 14.76 5.37
N GLN A 132 -6.48 15.45 5.92
CA GLN A 132 -6.33 15.98 7.27
C GLN A 132 -7.55 15.70 8.13
N GLU A 133 -7.30 15.50 9.42
CA GLU A 133 -8.36 15.23 10.38
C GLU A 133 -8.34 16.25 11.51
N CYS A 134 -9.52 16.74 11.87
CA CYS A 134 -9.62 17.78 12.89
C CYS A 134 -10.39 17.28 14.11
N ARG A 135 -9.89 17.64 15.29
CA ARG A 135 -10.53 17.28 16.56
C ARG A 135 -10.70 18.51 17.43
N CYS A 136 -11.71 18.50 18.30
CA CYS A 136 -11.98 19.64 19.18
C CYS A 136 -10.83 19.91 20.14
N LYS A 137 -10.59 21.19 20.41
CA LYS A 137 -9.56 21.60 21.36
C LYS A 137 -9.94 21.20 22.78
N GLN A 138 -11.23 21.31 23.10
CA GLN A 138 -11.73 20.91 24.41
C GLN A 138 -11.53 19.41 24.61
N PRO A 139 -11.19 19.00 25.85
CA PRO A 139 -10.83 17.61 26.14
C PRO A 139 -11.96 16.62 25.89
N GLY A 140 -13.19 17.02 26.18
CA GLY A 140 -14.34 16.13 26.01
C GLY A 140 -15.49 16.75 25.23
N ALA A 141 -15.19 17.24 24.03
CA ALA A 141 -16.20 17.84 23.18
C ALA A 141 -16.40 17.06 21.90
N VAL A 142 -17.65 17.00 21.43
CA VAL A 142 -17.97 16.34 20.17
C VAL A 142 -17.93 17.36 19.03
N GLN A 143 -18.01 16.86 17.80
CA GLN A 143 -17.87 17.71 16.61
C GLN A 143 -18.92 18.83 16.51
N GLY A 144 -20.11 18.58 17.03
CA GLY A 144 -21.17 19.58 16.99
C GLY A 144 -21.06 20.61 18.10
N GLU A 145 -20.03 20.50 18.91
CA GLU A 145 -19.87 21.37 20.08
C GLU A 145 -18.82 22.45 19.88
N CYS A 146 -17.55 22.04 19.84
CA CYS A 146 -16.42 22.96 19.85
C CYS A 146 -16.45 24.01 18.74
N GLN A 147 -15.86 25.17 19.02
CA GLN A 147 -15.76 26.25 18.06
C GLN A 147 -14.33 26.40 17.58
N GLU A 148 -13.44 25.60 18.15
CA GLU A 148 -12.03 25.60 17.77
C GLU A 148 -11.51 24.17 17.66
N GLU A 149 -10.85 23.87 16.56
CA GLU A 149 -10.32 22.52 16.35
C GLU A 149 -8.86 22.52 15.93
N GLU A 150 -8.17 21.43 16.23
CA GLU A 150 -6.76 21.27 15.86
C GLU A 150 -6.64 20.14 14.83
N CYS A 151 -5.99 20.45 13.71
CA CYS A 151 -5.94 19.51 12.60
C CYS A 151 -4.53 18.97 12.38
N VAL A 152 -4.44 17.70 11.99
CA VAL A 152 -3.16 17.09 11.62
C VAL A 152 -3.32 16.28 10.33
N ALA A 153 -2.21 16.04 9.65
CA ALA A 153 -2.24 15.27 8.41
C ALA A 153 -2.37 13.78 8.70
N VAL A 154 -3.31 13.14 8.03
CA VAL A 154 -3.50 11.69 8.17
C VAL A 154 -3.72 11.05 6.80
N LEU A 155 -3.40 9.76 6.70
CA LEU A 155 -3.63 9.02 5.46
C LEU A 155 -5.12 8.81 5.25
N LYS A 156 -5.54 8.84 3.99
CA LYS A 156 -6.94 8.56 3.64
C LYS A 156 -7.34 7.19 4.17
N PRO A 157 -8.65 6.96 4.32
CA PRO A 157 -9.11 5.60 4.61
C PRO A 157 -8.61 4.64 3.54
N PHE A 158 -8.27 3.42 3.93
CA PHE A 158 -7.58 2.52 3.02
C PHE A 158 -8.43 2.13 1.80
N GLU A 159 -9.75 2.17 1.95
CA GLU A 159 -10.66 1.87 0.86
C GLU A 159 -10.45 2.81 -0.33
N ALA A 160 -10.11 4.06 -0.04
CA ALA A 160 -9.87 5.04 -1.09
C ALA A 160 -8.54 4.80 -1.79
N ILE A 161 -7.52 4.47 -1.00
CA ILE A 161 -6.22 4.09 -1.54
C ILE A 161 -6.35 2.81 -2.38
N ALA A 162 -7.18 1.88 -1.92
CA ALA A 162 -7.43 0.63 -2.63
C ALA A 162 -8.06 0.88 -4.00
N GLN A 163 -8.94 1.87 -4.08
CA GLN A 163 -9.57 2.22 -5.35
C GLN A 163 -8.54 2.79 -6.32
N ASP A 164 -7.62 3.59 -5.79
CA ASP A 164 -6.54 4.14 -6.61
C ASP A 164 -5.68 3.02 -7.19
N LEU A 165 -5.37 2.03 -6.37
CA LEU A 165 -4.56 0.90 -6.82
C LEU A 165 -5.29 0.05 -7.84
N LEU A 166 -6.61 -0.08 -7.66
CA LEU A 166 -7.45 -0.78 -8.63
C LEU A 166 -7.39 -0.07 -9.98
N GLN A 167 -7.42 1.26 -9.94
CA GLN A 167 -7.31 2.07 -11.15
C GLN A 167 -5.94 1.87 -11.81
N MET A 168 -4.89 1.93 -11.00
CA MET A 168 -3.54 1.71 -11.50
C MET A 168 -3.36 0.30 -12.04
N TYR A 169 -4.04 -0.65 -11.40
CA TYR A 169 -4.08 -2.02 -11.90
C TYR A 169 -4.72 -2.06 -13.29
N ASP A 170 -5.78 -1.28 -13.48
CA ASP A 170 -6.48 -1.23 -14.77
C ASP A 170 -5.60 -0.60 -15.85
N ASP A 171 -4.80 0.40 -15.46
CA ASP A 171 -4.00 1.16 -16.42
C ASP A 171 -2.54 0.72 -16.45
N ALA A 172 -2.27 -0.47 -15.93
CA ALA A 172 -0.91 -0.99 -15.85
C ALA A 172 -0.28 -1.18 -17.22
N ILE A 173 1.04 -1.00 -17.30
CA ILE A 173 1.76 -1.13 -18.56
C ILE A 173 2.48 -2.47 -18.65
N GLN A 174 2.27 -3.18 -19.76
CA GLN A 174 2.95 -4.45 -19.97
C GLN A 174 4.32 -4.23 -20.60
N LEU A 175 5.32 -4.90 -20.07
CA LEU A 175 6.69 -4.76 -20.56
C LEU A 175 7.11 -5.99 -21.34
N GLU A 176 7.81 -5.77 -22.44
CA GLU A 176 8.32 -6.86 -23.25
C GLU A 176 9.85 -6.77 -23.33
N GLY A 177 10.51 -7.90 -23.07
CA GLY A 177 11.97 -7.94 -23.09
C GLY A 177 12.59 -7.35 -21.84
N ALA A 178 11.78 -7.20 -20.80
CA ALA A 178 12.25 -6.63 -19.55
C ALA A 178 13.00 -7.66 -18.72
N SER A 179 13.95 -7.20 -17.91
CA SER A 179 14.70 -8.05 -17.01
C SER A 179 14.27 -7.83 -15.56
N SER A 180 14.24 -8.91 -14.79
CA SER A 180 13.85 -8.83 -13.38
C SER A 180 15.04 -8.46 -12.50
N ASN A 181 16.23 -8.40 -13.10
CA ASN A 181 17.44 -8.13 -12.34
C ASN A 181 18.00 -6.73 -12.62
N LEU A 182 17.44 -6.06 -13.62
CA LEU A 182 17.90 -4.72 -13.98
C LEU A 182 16.94 -3.65 -13.48
N LYS A 183 17.49 -2.56 -12.96
CA LYS A 183 16.67 -1.43 -12.53
C LYS A 183 16.10 -0.73 -13.75
N ILE A 184 14.79 -0.53 -13.77
CA ILE A 184 14.17 0.27 -14.81
C ILE A 184 14.63 1.71 -14.63
N MET A 185 15.11 2.31 -15.71
CA MET A 185 15.72 3.65 -15.65
C MET A 185 14.83 4.67 -14.94
N TRP A 186 15.44 5.45 -14.06
CA TRP A 186 14.72 6.50 -13.36
C TRP A 186 14.21 7.53 -14.35
N GLN A 187 13.00 8.04 -14.10
CA GLN A 187 12.36 9.02 -14.98
C GLN A 187 12.13 8.50 -16.41
N ASN A 188 12.07 7.18 -16.57
CA ASN A 188 11.73 6.59 -17.85
C ASN A 188 10.25 6.22 -17.88
N ILE A 189 9.85 5.33 -16.99
CA ILE A 189 8.45 4.98 -16.82
C ILE A 189 7.86 5.82 -15.71
N PRO A 190 6.71 6.47 -15.96
CA PRO A 190 6.04 7.33 -14.97
C PRO A 190 5.81 6.62 -13.64
N LEU A 191 5.96 7.36 -12.55
CA LEU A 191 5.87 6.79 -11.21
C LEU A 191 4.43 6.54 -10.77
N ASP A 192 3.48 6.92 -11.60
CA ASP A 192 2.07 6.68 -11.31
C ASP A 192 1.52 5.53 -12.15
N SER A 193 2.42 4.78 -12.78
CA SER A 193 2.04 3.63 -13.58
C SER A 193 2.68 2.34 -13.04
N LEU A 194 1.85 1.37 -12.72
CA LEU A 194 2.34 0.04 -12.37
C LEU A 194 2.74 -0.69 -13.64
N VAL A 195 3.69 -1.61 -13.52
CA VAL A 195 4.14 -2.38 -14.67
C VAL A 195 4.06 -3.87 -14.39
N PHE A 196 3.80 -4.65 -15.44
CA PHE A 196 3.85 -6.11 -15.36
C PHE A 196 4.50 -6.65 -16.62
N MET A 197 4.80 -7.93 -16.62
CA MET A 197 5.58 -8.53 -17.71
C MET A 197 4.84 -9.69 -18.39
N GLN A 198 4.20 -10.53 -17.61
CA GLN A 198 3.59 -11.75 -18.13
C GLN A 198 2.09 -11.59 -18.37
N ASP A 199 1.60 -12.30 -19.38
CA ASP A 199 0.17 -12.39 -19.61
C ASP A 199 -0.50 -13.17 -18.47
N SER A 200 -1.78 -12.91 -18.27
CA SER A 200 -2.54 -13.63 -17.26
C SER A 200 -3.14 -14.89 -17.87
N PRO A 201 -3.22 -15.97 -17.08
CA PRO A 201 -3.84 -17.21 -17.54
C PRO A 201 -5.36 -17.08 -17.59
N ASN A 202 -6.03 -18.08 -18.15
CA ASN A 202 -7.49 -18.10 -18.18
C ASN A 202 -8.04 -18.54 -16.83
N TYR A 203 -8.57 -17.59 -16.07
CA TYR A 203 -9.07 -17.86 -14.72
C TYR A 203 -10.42 -18.59 -14.70
N CYS A 204 -10.81 -19.18 -15.82
CA CYS A 204 -12.05 -19.93 -15.90
C CYS A 204 -11.81 -21.34 -16.44
C1 GOL B . -4.31 7.53 -10.07
O1 GOL B . -4.92 6.26 -9.94
C2 GOL B . -3.66 7.92 -8.75
O2 GOL B . -2.39 8.47 -9.01
C3 GOL B . -4.54 8.95 -8.05
O3 GOL B . -3.93 9.37 -6.85
C1 GOL C . 4.91 -7.48 1.81
O1 GOL C . 4.34 -6.68 0.79
C2 GOL C . 4.08 -8.73 1.98
O2 GOL C . 3.62 -9.17 0.72
C3 GOL C . 4.92 -9.83 2.60
O3 GOL C . 4.12 -10.98 2.78
C1 GOL D . 12.01 0.72 -4.36
O1 GOL D . 13.29 0.17 -4.57
C2 GOL D . 11.78 0.91 -2.87
O2 GOL D . 10.91 2.00 -2.66
C3 GOL D . 11.16 -0.36 -2.29
O3 GOL D . 10.69 -0.13 -0.99
C1 GOL E . -9.60 -11.12 -16.44
O1 GOL E . -8.19 -11.08 -16.37
C2 GOL E . -10.20 -10.61 -15.14
O2 GOL E . -9.71 -11.38 -14.06
C3 GOL E . -9.80 -9.15 -14.92
O3 GOL E . -10.17 -8.76 -13.62
NA NA F . 3.98 4.95 17.99
#